data_5JUH
#
_entry.id   5JUH
#
_cell.length_a   34.960
_cell.length_b   43.340
_cell.length_c   78.840
_cell.angle_alpha   90.00
_cell.angle_beta   90.00
_cell.angle_gamma   90.00
#
_symmetry.space_group_name_H-M   'P 21 21 21'
#
loop_
_entity.id
_entity.type
_entity.pdbx_description
1 polymer 'Antifreeze protein'
2 non-polymer 'CALCIUM ION'
3 water water
#
_entity_poly.entity_id   1
_entity_poly.type   'polypeptide(L)'
_entity_poly.pdbx_seq_one_letter_code
;MASSHHHHHHSSGLVPRGSHMLISDVALTNLEITTSVNAIVEAEVSDLYLDGTGVVGDLVDSQTVDTLIGGQGDDVLFGG
DDSLVDTLTGLEGSDIFILNDTTDVLNIDTITDFNAAEDALDLTDLLTGIAGSPGKDADVDAVTQFLTENVKVTDGHVKV
GGEDVANFGSDSNFDSNGVDGVTTADSIKVIYNNEEYSINIDG
;
_entity_poly.pdbx_strand_id   A
#
# COMPACT_ATOMS: atom_id res chain seq x y z
N THR A 67 11.21 9.25 11.27
CA THR A 67 11.49 9.69 9.80
C THR A 67 12.55 8.81 9.10
N LEU A 68 12.03 7.95 8.21
N LEU A 68 12.01 7.98 8.22
CA LEU A 68 12.75 6.85 7.53
CA LEU A 68 12.76 6.94 7.52
C LEU A 68 12.75 7.06 6.00
C LEU A 68 12.74 7.23 6.05
N ILE A 69 13.93 7.32 5.49
CA ILE A 69 14.11 7.86 4.21
C ILE A 69 14.93 6.86 3.45
N GLY A 70 14.49 6.55 2.18
CA GLY A 70 15.28 5.75 1.29
C GLY A 70 16.28 6.57 0.50
N GLY A 71 16.78 6.00 -0.59
CA GLY A 71 17.62 6.70 -1.50
C GLY A 71 17.13 6.58 -2.88
N GLN A 72 17.99 6.86 -3.89
CA GLN A 72 17.55 6.96 -5.24
C GLN A 72 17.28 5.56 -5.86
N GLY A 73 17.65 4.46 -5.18
CA GLY A 73 17.33 3.12 -5.66
C GLY A 73 16.05 2.57 -5.09
N ASP A 74 15.89 1.29 -5.34
CA ASP A 74 14.66 0.55 -5.01
C ASP A 74 14.75 0.00 -3.60
N ASP A 75 14.09 0.67 -2.67
CA ASP A 75 14.23 0.40 -1.25
C ASP A 75 13.04 -0.33 -0.66
N VAL A 76 13.23 -0.82 0.57
CA VAL A 76 12.12 -1.44 1.29
C VAL A 76 12.14 -0.67 2.62
N LEU A 77 11.04 0.01 2.94
CA LEU A 77 10.93 0.92 4.06
CA LEU A 77 10.93 0.92 4.06
C LEU A 77 9.85 0.35 5.02
N PHE A 78 10.15 0.40 6.32
CA PHE A 78 9.26 -0.15 7.32
C PHE A 78 9.47 0.55 8.64
N GLY A 79 8.38 1.02 9.22
CA GLY A 79 8.52 1.79 10.52
C GLY A 79 8.47 0.87 11.77
N GLY A 80 8.23 -0.42 11.55
CA GLY A 80 7.96 -1.36 12.66
C GLY A 80 6.57 -1.78 12.89
N ASP A 81 6.40 -2.93 13.55
CA ASP A 81 5.06 -3.31 14.02
C ASP A 81 4.97 -2.62 15.42
N ASP A 82 4.63 -1.31 15.46
CA ASP A 82 4.88 -0.37 16.60
C ASP A 82 3.53 0.27 16.97
N SER A 83 3.52 1.37 17.75
CA SER A 83 2.32 2.14 18.15
C SER A 83 2.49 3.60 17.91
N LEU A 84 3.35 3.95 16.97
CA LEU A 84 3.71 5.32 16.74
C LEU A 84 3.73 5.68 15.27
N VAL A 85 3.44 6.93 14.99
CA VAL A 85 3.56 7.40 13.60
C VAL A 85 4.98 7.54 13.20
N ASP A 86 5.30 6.91 12.08
CA ASP A 86 6.57 7.15 11.38
C ASP A 86 6.29 7.86 10.07
N THR A 87 7.25 8.68 9.68
CA THR A 87 7.13 9.34 8.34
C THR A 87 8.11 8.58 7.42
N LEU A 88 7.60 8.08 6.35
CA LEU A 88 8.32 7.21 5.43
C LEU A 88 8.42 7.97 4.11
N THR A 89 9.60 8.06 3.55
CA THR A 89 9.82 8.69 2.26
C THR A 89 10.71 7.80 1.37
N GLY A 90 10.26 7.46 0.17
CA GLY A 90 11.03 6.52 -0.64
C GLY A 90 12.09 7.17 -1.54
N LEU A 91 11.84 8.43 -1.89
CA LEU A 91 12.66 9.12 -2.87
C LEU A 91 12.55 8.39 -4.22
N GLU A 92 13.54 8.60 -5.10
CA GLU A 92 13.50 8.00 -6.35
C GLU A 92 13.57 6.48 -6.26
N GLY A 93 13.33 5.85 -7.39
CA GLY A 93 13.25 4.44 -7.45
C GLY A 93 11.91 3.92 -7.01
N SER A 94 11.75 2.59 -7.15
CA SER A 94 10.48 1.97 -6.94
C SER A 94 10.56 1.31 -5.54
N ASP A 95 9.90 1.91 -4.57
CA ASP A 95 10.09 1.56 -3.16
C ASP A 95 8.91 0.81 -2.68
N ILE A 96 9.17 -0.15 -1.79
CA ILE A 96 8.08 -0.88 -1.12
C ILE A 96 7.95 -0.29 0.30
N PHE A 97 6.75 0.12 0.62
CA PHE A 97 6.45 0.54 1.96
C PHE A 97 5.69 -0.54 2.65
N ILE A 98 6.31 -1.12 3.68
CA ILE A 98 5.63 -2.14 4.48
C ILE A 98 4.84 -1.54 5.59
N LEU A 99 3.57 -1.85 5.67
CA LEU A 99 2.70 -1.20 6.64
C LEU A 99 2.18 -2.26 7.66
N ASN A 100 2.14 -1.81 8.87
CA ASN A 100 1.61 -2.53 10.03
C ASN A 100 0.17 -2.21 10.24
N ASP A 101 -0.56 -3.18 10.73
CA ASP A 101 -1.95 -2.96 11.09
C ASP A 101 -1.98 -2.50 12.58
N THR A 102 -2.54 -1.40 12.85
CA THR A 102 -2.74 -0.87 14.20
C THR A 102 -4.23 -0.98 14.52
N THR A 103 -4.58 -0.97 15.82
CA THR A 103 -5.97 -0.84 16.18
C THR A 103 -6.38 0.59 16.32
N ASP A 104 -5.46 1.49 16.63
CA ASP A 104 -5.75 2.94 16.79
C ASP A 104 -5.35 3.57 15.42
N VAL A 105 -6.34 4.09 14.74
CA VAL A 105 -6.05 4.67 13.38
C VAL A 105 -5.19 5.92 13.50
N LEU A 106 -5.12 6.55 14.68
CA LEU A 106 -4.19 7.64 14.86
C LEU A 106 -2.71 7.27 14.93
N ASN A 107 -2.40 5.97 14.98
CA ASN A 107 -1.05 5.55 15.07
C ASN A 107 -0.47 5.10 13.75
N ILE A 108 -1.23 5.28 12.69
CA ILE A 108 -0.74 4.82 11.37
C ILE A 108 0.32 5.75 10.81
N ASP A 109 1.19 5.14 9.97
CA ASP A 109 2.29 5.87 9.34
C ASP A 109 1.84 6.87 8.24
N THR A 110 2.73 7.84 7.99
CA THR A 110 2.62 8.75 6.84
C THR A 110 3.62 8.29 5.80
N ILE A 111 3.15 8.16 4.55
CA ILE A 111 4.02 7.95 3.40
C ILE A 111 4.02 9.26 2.66
N THR A 112 5.13 9.95 2.62
CA THR A 112 5.13 11.32 2.10
C THR A 112 5.06 11.40 0.57
N ASP A 113 5.52 10.35 -0.16
CA ASP A 113 5.78 10.55 -1.56
C ASP A 113 5.43 9.27 -2.33
N PHE A 114 4.26 8.67 -2.06
CA PHE A 114 3.95 7.44 -2.76
C PHE A 114 3.68 7.78 -4.24
N ASN A 115 4.40 7.11 -5.12
CA ASN A 115 4.23 7.28 -6.57
C ASN A 115 3.67 5.98 -7.07
N ALA A 116 2.42 5.99 -7.53
CA ALA A 116 1.71 4.76 -7.86
C ALA A 116 2.32 4.09 -9.13
N ALA A 117 2.99 4.87 -9.99
CA ALA A 117 3.63 4.24 -11.15
C ALA A 117 4.92 3.52 -10.85
N GLU A 118 5.39 3.59 -9.59
CA GLU A 118 6.75 3.05 -9.29
C GLU A 118 6.75 2.25 -7.94
N ASP A 119 6.23 2.88 -6.89
CA ASP A 119 6.26 2.33 -5.56
C ASP A 119 5.16 1.27 -5.36
N ALA A 120 5.22 0.60 -4.19
CA ALA A 120 4.26 -0.45 -3.86
C ALA A 120 4.02 -0.48 -2.37
N LEU A 121 2.90 -1.02 -1.96
CA LEU A 121 2.56 -1.17 -0.57
C LEU A 121 2.46 -2.66 -0.20
N ASP A 122 3.21 -3.05 0.82
CA ASP A 122 3.07 -4.41 1.36
C ASP A 122 2.00 -4.38 2.44
N LEU A 123 0.87 -4.96 2.12
CA LEU A 123 -0.25 -4.89 3.02
C LEU A 123 -0.56 -6.21 3.71
N THR A 124 0.38 -7.12 3.63
CA THR A 124 0.17 -8.45 4.25
C THR A 124 -0.32 -8.41 5.68
N ASP A 125 0.28 -7.51 6.46
CA ASP A 125 -0.14 -7.46 7.88
C ASP A 125 -1.56 -6.95 8.10
N LEU A 126 -2.07 -6.17 7.19
CA LEU A 126 -3.44 -5.71 7.29
C LEU A 126 -4.47 -6.72 6.81
N LEU A 127 -4.04 -7.61 5.96
CA LEU A 127 -4.90 -8.51 5.25
C LEU A 127 -5.01 -9.90 5.87
N THR A 128 -3.93 -10.33 6.49
CA THR A 128 -3.84 -11.72 7.01
CA THR A 128 -3.84 -11.72 7.01
C THR A 128 -4.82 -12.06 8.10
N GLY A 129 -5.15 -11.12 8.95
CA GLY A 129 -6.12 -11.39 10.01
C GLY A 129 -7.59 -11.29 9.61
N ILE A 130 -7.88 -11.01 8.31
CA ILE A 130 -9.29 -11.08 7.82
C ILE A 130 -9.72 -12.50 7.68
N ALA A 131 -10.83 -12.81 8.30
CA ALA A 131 -11.32 -14.16 8.28
C ALA A 131 -11.37 -14.67 6.83
N GLY A 132 -10.82 -15.87 6.61
CA GLY A 132 -10.78 -16.45 5.27
C GLY A 132 -9.66 -15.87 4.35
N SER A 133 -8.71 -15.08 4.87
CA SER A 133 -7.67 -14.60 4.01
C SER A 133 -6.89 -15.76 3.36
N PRO A 134 -6.32 -15.53 2.14
CA PRO A 134 -5.68 -16.65 1.41
C PRO A 134 -4.43 -17.11 2.18
N GLY A 135 -4.37 -18.40 2.29
CA GLY A 135 -3.31 -19.10 2.94
C GLY A 135 -2.19 -19.51 2.06
N LYS A 136 -1.35 -20.39 2.61
CA LYS A 136 -0.16 -20.89 1.92
C LYS A 136 -0.42 -21.59 0.57
N ASP A 137 -1.64 -22.14 0.37
CA ASP A 137 -1.93 -22.89 -0.83
C ASP A 137 -2.66 -22.08 -1.89
N ALA A 138 -2.85 -20.77 -1.67
CA ALA A 138 -3.60 -19.98 -2.64
C ALA A 138 -2.73 -19.65 -3.83
N ASP A 139 -3.39 -19.60 -4.99
CA ASP A 139 -2.82 -19.16 -6.23
C ASP A 139 -3.02 -17.65 -6.45
N VAL A 140 -2.47 -17.11 -7.53
CA VAL A 140 -2.49 -15.67 -7.72
C VAL A 140 -3.91 -15.23 -8.14
N ASP A 141 -4.80 -16.11 -8.67
CA ASP A 141 -6.16 -15.65 -8.95
C ASP A 141 -6.97 -15.56 -7.71
N ALA A 142 -6.84 -16.46 -6.79
CA ALA A 142 -7.50 -16.35 -5.49
C ALA A 142 -7.05 -15.19 -4.71
N VAL A 143 -5.76 -14.87 -4.79
CA VAL A 143 -5.24 -13.72 -4.05
C VAL A 143 -5.78 -12.46 -4.67
N THR A 144 -5.77 -12.39 -6.01
CA THR A 144 -6.30 -11.21 -6.73
C THR A 144 -7.74 -10.95 -6.35
N GLN A 145 -8.58 -12.02 -6.29
CA GLN A 145 -9.98 -11.85 -5.97
C GLN A 145 -10.15 -11.30 -4.54
N PHE A 146 -9.36 -11.78 -3.62
CA PHE A 146 -9.38 -11.36 -2.23
C PHE A 146 -8.98 -9.94 -2.12
N LEU A 147 -7.92 -9.57 -2.83
CA LEU A 147 -7.40 -8.19 -2.76
C LEU A 147 -8.37 -7.18 -3.41
N THR A 148 -9.02 -7.59 -4.49
CA THR A 148 -10.01 -6.79 -5.15
C THR A 148 -11.19 -6.47 -4.23
N GLU A 149 -11.63 -7.47 -3.45
CA GLU A 149 -12.74 -7.29 -2.58
C GLU A 149 -12.36 -6.45 -1.32
N ASN A 150 -11.12 -6.55 -0.87
CA ASN A 150 -10.74 -6.03 0.42
C ASN A 150 -9.90 -4.81 0.44
N VAL A 151 -9.23 -4.48 -0.62
CA VAL A 151 -8.38 -3.33 -0.67
C VAL A 151 -9.09 -2.26 -1.53
N LYS A 152 -9.45 -1.12 -0.96
CA LYS A 152 -10.16 -0.07 -1.63
C LYS A 152 -9.17 1.04 -1.93
N VAL A 153 -8.90 1.26 -3.22
CA VAL A 153 -7.90 2.27 -3.66
C VAL A 153 -8.65 3.44 -4.27
N THR A 154 -8.40 4.65 -3.76
CA THR A 154 -8.98 5.85 -4.36
C THR A 154 -7.89 6.88 -4.48
N ASP A 155 -8.20 8.05 -5.05
CA ASP A 155 -7.13 9.02 -5.22
C ASP A 155 -6.62 9.59 -3.89
N GLY A 156 -5.49 9.13 -3.46
CA GLY A 156 -4.87 9.56 -2.17
C GLY A 156 -5.19 8.75 -0.95
N HIS A 157 -5.92 7.64 -1.18
CA HIS A 157 -6.26 6.78 -0.07
C HIS A 157 -6.16 5.31 -0.48
N VAL A 158 -5.80 4.50 0.53
CA VAL A 158 -5.89 3.05 0.40
C VAL A 158 -6.44 2.54 1.72
N LYS A 159 -7.51 1.78 1.65
CA LYS A 159 -8.25 1.36 2.84
C LYS A 159 -8.38 -0.15 2.82
N VAL A 160 -8.33 -0.72 4.03
CA VAL A 160 -8.69 -2.15 4.27
C VAL A 160 -9.70 -2.21 5.36
N GLY A 161 -10.88 -2.80 5.15
CA GLY A 161 -11.89 -2.74 6.19
C GLY A 161 -12.40 -1.38 6.57
N GLY A 162 -12.44 -0.48 5.55
CA GLY A 162 -12.80 0.87 5.79
C GLY A 162 -11.89 1.77 6.51
N GLU A 163 -10.67 1.32 6.77
CA GLU A 163 -9.73 2.08 7.50
C GLU A 163 -8.50 2.35 6.61
N ASP A 164 -7.97 3.56 6.73
CA ASP A 164 -6.78 3.97 6.07
C ASP A 164 -5.56 3.12 6.53
N VAL A 165 -4.82 2.66 5.55
CA VAL A 165 -3.60 1.89 5.84
C VAL A 165 -2.45 2.79 6.24
N ALA A 166 -2.53 4.03 5.76
CA ALA A 166 -1.46 5.04 5.92
C ALA A 166 -2.10 6.38 5.61
N ASN A 167 -1.43 7.47 6.02
CA ASN A 167 -1.80 8.79 5.52
C ASN A 167 -0.84 9.12 4.41
N PHE A 168 -1.31 9.43 3.23
CA PHE A 168 -0.52 9.77 2.08
C PHE A 168 -0.26 11.25 2.01
N GLY A 169 1.00 11.67 1.97
CA GLY A 169 1.41 13.03 2.06
C GLY A 169 1.42 13.79 0.74
N SER A 170 1.93 15.01 0.77
CA SER A 170 1.70 15.91 -0.39
C SER A 170 2.52 15.68 -1.56
N ASP A 171 3.53 14.83 -1.49
CA ASP A 171 4.25 14.52 -2.66
C ASP A 171 3.76 13.21 -3.29
N SER A 172 2.62 12.65 -2.84
CA SER A 172 2.10 11.41 -3.43
C SER A 172 1.42 11.70 -4.77
N ASN A 173 1.32 10.65 -5.55
CA ASN A 173 0.75 10.75 -6.92
C ASN A 173 0.12 9.43 -7.23
N PHE A 174 -1.20 9.31 -7.31
CA PHE A 174 -1.83 8.06 -7.63
C PHE A 174 -2.11 7.85 -9.15
N ASP A 175 -1.49 8.61 -10.00
CA ASP A 175 -1.58 8.46 -11.46
C ASP A 175 -0.54 7.46 -11.91
N SER A 176 -0.95 6.20 -11.98
CA SER A 176 0.04 5.12 -12.32
C SER A 176 0.39 5.08 -13.78
N ASN A 177 -0.54 5.48 -14.62
CA ASN A 177 -0.41 5.33 -16.09
C ASN A 177 0.06 6.55 -16.80
N GLY A 178 0.17 7.68 -16.10
CA GLY A 178 0.69 8.91 -16.57
C GLY A 178 -0.28 9.70 -17.46
N VAL A 179 -1.50 9.26 -17.59
CA VAL A 179 -2.54 9.94 -18.37
C VAL A 179 -3.82 10.14 -17.61
N ASP A 180 -4.54 11.21 -18.02
CA ASP A 180 -5.90 11.50 -17.50
C ASP A 180 -5.98 11.79 -15.99
N GLY A 181 -4.87 12.21 -15.40
CA GLY A 181 -4.75 12.27 -13.96
C GLY A 181 -5.09 11.02 -13.31
N VAL A 182 -5.81 11.10 -12.22
CA VAL A 182 -6.21 9.91 -11.48
C VAL A 182 -7.61 9.43 -11.78
N THR A 183 -7.79 8.22 -12.38
CA THR A 183 -9.09 7.62 -12.67
C THR A 183 -9.12 6.10 -12.33
N THR A 184 -10.24 5.46 -12.52
CA THR A 184 -10.35 4.04 -12.39
C THR A 184 -9.44 3.20 -13.27
N ALA A 185 -8.79 3.80 -14.25
CA ALA A 185 -7.85 3.06 -15.08
C ALA A 185 -6.53 2.95 -14.38
N ASP A 186 -6.28 3.80 -13.41
CA ASP A 186 -5.04 3.73 -12.60
C ASP A 186 -5.13 2.60 -11.59
N SER A 187 -3.94 2.20 -11.15
CA SER A 187 -3.85 1.14 -10.15
C SER A 187 -2.65 1.34 -9.27
N ILE A 188 -2.67 0.59 -8.16
CA ILE A 188 -1.49 0.56 -7.26
C ILE A 188 -0.99 -0.85 -7.18
N LYS A 189 0.30 -0.95 -6.89
CA LYS A 189 0.95 -2.23 -6.68
C LYS A 189 0.82 -2.63 -5.17
N VAL A 190 0.23 -3.78 -4.89
CA VAL A 190 -0.01 -4.27 -3.55
C VAL A 190 0.68 -5.61 -3.43
N ILE A 191 1.48 -5.75 -2.38
CA ILE A 191 2.21 -6.99 -2.08
C ILE A 191 1.46 -7.74 -0.93
N TYR A 192 1.21 -9.01 -1.18
CA TYR A 192 0.63 -9.89 -0.19
C TYR A 192 1.46 -11.20 -0.25
N ASN A 193 2.06 -11.52 0.90
CA ASN A 193 2.92 -12.74 0.96
C ASN A 193 4.00 -12.76 -0.14
N ASN A 194 4.74 -11.64 -0.27
CA ASN A 194 5.86 -11.53 -1.17
C ASN A 194 5.59 -11.69 -2.63
N GLU A 195 4.37 -11.50 -3.04
CA GLU A 195 4.00 -11.49 -4.47
C GLU A 195 3.15 -10.20 -4.69
N GLU A 196 3.26 -9.69 -5.92
CA GLU A 196 2.73 -8.37 -6.23
C GLU A 196 1.52 -8.46 -7.17
N TYR A 197 0.59 -7.54 -6.90
CA TYR A 197 -0.67 -7.42 -7.61
C TYR A 197 -1.04 -6.02 -7.92
N SER A 198 -1.71 -5.76 -9.09
CA SER A 198 -2.12 -4.43 -9.46
C SER A 198 -3.59 -4.27 -9.20
N ILE A 199 -3.96 -3.38 -8.31
CA ILE A 199 -5.31 -3.19 -7.85
C ILE A 199 -5.79 -1.83 -8.34
N ASN A 200 -6.88 -1.83 -9.14
CA ASN A 200 -7.37 -0.60 -9.72
C ASN A 200 -8.07 0.29 -8.72
N ILE A 201 -7.93 1.54 -8.95
CA ILE A 201 -8.80 2.56 -8.34
CA ILE A 201 -8.79 2.58 -8.34
C ILE A 201 -10.27 2.19 -8.60
N ASP A 202 -11.06 2.22 -7.52
CA ASP A 202 -12.43 1.69 -7.66
C ASP A 202 -13.46 2.72 -7.64
N GLY A 203 -13.06 3.96 -7.45
CA GLY A 203 -14.06 5.04 -7.29
C GLY A 203 -13.33 6.34 -6.91
#